data_5QHX
#
_entry.id   5QHX
#
_cell.length_a   34.094
_cell.length_b   41.358
_cell.length_c   110.992
_cell.angle_alpha   90.000
_cell.angle_beta   90.000
_cell.angle_gamma   90.000
#
_symmetry.space_group_name_H-M   'P 21 21 21'
#
loop_
_entity.id
_entity.type
_entity.pdbx_description
1 polymer 'Poly [ADP-ribose] polymerase 14'
2 non-polymer 'CHLORIDE ION'
3 non-polymer 'DIMETHYL SULFOXIDE'
4 non-polymer ~{N}1-(4,6-dimethylpyrimidin-2-yl)benzene-1,4-diamine
5 water water
#
_entity_poly.entity_id   1
_entity_poly.type   'polypeptide(L)'
_entity_poly.pdbx_seq_one_letter_code
;SMFYGTVSSPDSGVYEMKIGSIIFQVASGDITKEEADVIVNSTSNSFNLKAGVSKAILECAGQNVERECSQQAQQRKNDY
IITGGGFLRCKNIIHVIGGNDVKSSVSSVLQECEKKNYSSICLPAIGTGNAKQHPDKVAEAIIDAIEDFVQKGSAQSVKK
VKVVIFLPQVLDVFYANMKKREG
;
_entity_poly.pdbx_strand_id   A
#
loop_
_chem_comp.id
_chem_comp.type
_chem_comp.name
_chem_comp.formula
CL non-polymer 'CHLORIDE ION' 'Cl -1'
DMS non-polymer 'DIMETHYL SULFOXIDE' 'C2 H6 O S'
GRY non-polymer ~{N}1-(4,6-dimethylpyrimidin-2-yl)benzene-1,4-diamine 'C12 H14 N4'
#
# COMPACT_ATOMS: atom_id res chain seq x y z
N MET A 2 -20.85 -1.65 11.41
CA MET A 2 -20.33 -0.57 12.32
C MET A 2 -19.45 0.52 11.67
N PHE A 3 -18.84 0.17 10.53
CA PHE A 3 -17.81 0.99 9.81
C PHE A 3 -17.98 1.16 8.29
N TYR A 4 -18.58 0.18 7.59
CA TYR A 4 -18.51 0.14 6.12
C TYR A 4 -19.67 0.86 5.44
N GLY A 5 -19.32 1.67 4.43
CA GLY A 5 -20.29 2.29 3.54
C GLY A 5 -20.60 1.39 2.33
N THR A 6 -20.85 2.04 1.19
CA THR A 6 -21.36 1.41 -0.02
C THR A 6 -20.28 1.35 -1.11
N VAL A 7 -20.19 0.23 -1.84
CA VAL A 7 -19.25 0.11 -2.96
C VAL A 7 -19.85 0.77 -4.22
N SER A 8 -19.10 1.70 -4.83
CA SER A 8 -19.49 2.34 -6.10
C SER A 8 -18.25 2.52 -7.01
N SER A 9 -18.49 2.98 -8.23
CA SER A 9 -17.40 3.18 -9.20
C SER A 9 -17.37 4.65 -9.66
N PRO A 10 -16.39 5.45 -9.16
CA PRO A 10 -16.36 6.89 -9.53
C PRO A 10 -15.79 7.19 -10.91
N ASP A 11 -15.04 6.24 -11.46
CA ASP A 11 -14.36 6.37 -12.77
C ASP A 11 -14.18 4.94 -13.32
N SER A 12 -14.02 4.79 -14.65
CA SER A 12 -14.02 3.43 -15.21
C SER A 12 -12.81 2.67 -14.61
N GLY A 13 -13.08 1.44 -14.17
CA GLY A 13 -12.07 0.62 -13.52
C GLY A 13 -11.64 0.97 -12.11
N VAL A 14 -12.26 1.96 -11.48
CA VAL A 14 -11.98 2.33 -10.09
C VAL A 14 -13.21 2.00 -9.22
N TYR A 15 -12.99 1.39 -8.05
CA TYR A 15 -14.09 1.06 -7.13
C TYR A 15 -13.74 1.59 -5.75
N GLU A 16 -14.73 2.10 -5.03
CA GLU A 16 -14.47 2.75 -3.74
C GLU A 16 -15.58 2.49 -2.73
N MET A 17 -15.21 2.59 -1.45
CA MET A 17 -16.18 2.56 -0.35
C MET A 17 -15.60 3.31 0.85
N LYS A 18 -16.46 3.85 1.71
CA LYS A 18 -16.00 4.41 2.96
C LYS A 18 -15.75 3.31 4.01
N ILE A 19 -14.66 3.49 4.78
CA ILE A 19 -14.38 2.69 5.99
C ILE A 19 -14.20 3.74 7.10
N GLY A 20 -15.23 3.93 7.94
CA GLY A 20 -15.29 5.11 8.81
C GLY A 20 -15.19 6.35 7.92
N SER A 21 -14.26 7.24 8.29
CA SER A 21 -14.04 8.50 7.57
C SER A 21 -13.13 8.36 6.34
N ILE A 22 -12.50 7.19 6.15
CA ILE A 22 -11.48 7.00 5.09
C ILE A 22 -12.14 6.54 3.80
N ILE A 23 -11.75 7.12 2.67
CA ILE A 23 -12.15 6.59 1.35
C ILE A 23 -11.13 5.50 0.95
N PHE A 24 -11.61 4.25 0.80
CA PHE A 24 -10.80 3.13 0.35
C PHE A 24 -11.12 2.85 -1.11
N GLN A 25 -10.09 2.88 -1.97
N GLN A 25 -10.09 2.81 -1.96
CA GLN A 25 -10.26 2.66 -3.40
CA GLN A 25 -10.25 2.72 -3.41
C GLN A 25 -9.34 1.54 -3.90
C GLN A 25 -9.33 1.60 -3.96
N VAL A 26 -9.80 0.87 -4.98
CA VAL A 26 -8.99 -0.11 -5.71
C VAL A 26 -9.09 0.17 -7.23
N ALA A 27 -8.00 -0.08 -7.96
CA ALA A 27 -7.95 0.07 -9.41
C ALA A 27 -6.80 -0.80 -9.96
N SER A 28 -6.85 -1.16 -11.24
N SER A 28 -6.86 -1.20 -11.22
N SER A 28 -6.87 -1.17 -11.21
CA SER A 28 -5.74 -1.83 -11.90
CA SER A 28 -5.71 -1.86 -11.90
CA SER A 28 -5.74 -1.81 -11.90
C SER A 28 -4.91 -0.84 -12.73
C SER A 28 -4.91 -0.84 -12.72
C SER A 28 -4.89 -0.74 -12.57
N GLY A 29 -3.58 -1.01 -12.71
CA GLY A 29 -2.67 -0.11 -13.44
C GLY A 29 -1.24 -0.15 -12.92
N ASP A 30 -0.46 0.84 -13.33
CA ASP A 30 0.95 0.99 -12.98
C ASP A 30 1.06 1.97 -11.80
N ILE A 31 1.42 1.44 -10.63
CA ILE A 31 1.53 2.25 -9.41
C ILE A 31 2.55 3.42 -9.54
N THR A 32 3.58 3.27 -10.39
CA THR A 32 4.59 4.33 -10.54
C THR A 32 4.05 5.61 -11.20
N LYS A 33 2.85 5.56 -11.78
CA LYS A 33 2.17 6.72 -12.41
C LYS A 33 1.35 7.51 -11.39
N GLU A 34 1.19 6.98 -10.17
CA GLU A 34 0.30 7.59 -9.17
C GLU A 34 0.95 8.77 -8.42
N GLU A 35 0.11 9.68 -7.96
CA GLU A 35 0.51 10.76 -7.02
C GLU A 35 -0.16 10.51 -5.65
N ALA A 36 0.62 10.54 -4.57
CA ALA A 36 0.12 10.36 -3.20
C ALA A 36 1.18 10.88 -2.24
N ASP A 37 0.81 11.15 -0.96
CA ASP A 37 1.84 11.51 -0.02
C ASP A 37 2.88 10.38 0.16
N VAL A 38 2.37 9.14 0.32
CA VAL A 38 3.22 7.93 0.43
C VAL A 38 2.82 6.93 -0.66
N ILE A 39 3.85 6.36 -1.31
CA ILE A 39 3.72 5.14 -2.15
C ILE A 39 4.43 4.00 -1.40
N VAL A 40 3.80 2.83 -1.35
CA VAL A 40 4.38 1.64 -0.70
C VAL A 40 5.04 0.71 -1.75
N ASN A 41 6.25 0.24 -1.43
CA ASN A 41 6.97 -0.80 -2.21
C ASN A 41 6.91 -2.10 -1.42
N SER A 42 6.70 -3.21 -2.13
CA SER A 42 6.68 -4.58 -1.57
C SER A 42 7.97 -5.28 -2.02
N THR A 43 8.90 -5.47 -1.10
CA THR A 43 10.26 -5.90 -1.45
C THR A 43 10.71 -7.09 -0.57
N SER A 44 11.99 -7.42 -0.68
CA SER A 44 12.60 -8.50 0.10
C SER A 44 13.15 -8.01 1.45
N ASN A 45 13.58 -8.93 2.30
CA ASN A 45 14.13 -8.57 3.64
C ASN A 45 15.46 -7.80 3.58
N SER A 46 16.09 -7.76 2.39
CA SER A 46 17.26 -6.93 2.09
C SER A 46 17.01 -5.54 1.44
N PHE A 47 15.76 -5.27 1.11
CA PHE A 47 15.32 -3.98 0.54
C PHE A 47 16.03 -3.64 -0.78
N ASN A 48 16.41 -4.69 -1.52
CA ASN A 48 17.18 -4.52 -2.77
C ASN A 48 16.62 -5.40 -3.93
N LEU A 49 15.39 -5.88 -3.80
CA LEU A 49 14.73 -6.63 -4.88
C LEU A 49 14.39 -5.72 -6.06
N LYS A 50 14.48 -6.27 -7.27
CA LYS A 50 14.15 -5.51 -8.49
C LYS A 50 13.41 -6.46 -9.45
N ALA A 51 12.24 -6.93 -9.01
CA ALA A 51 11.40 -7.87 -9.75
C ALA A 51 9.93 -7.45 -9.60
N GLY A 52 9.17 -7.44 -10.69
CA GLY A 52 7.76 -7.08 -10.61
C GLY A 52 7.59 -5.63 -10.16
N VAL A 53 6.70 -5.41 -9.18
N VAL A 53 6.71 -5.39 -9.21
CA VAL A 53 6.41 -4.06 -8.66
CA VAL A 53 6.41 -4.01 -8.87
C VAL A 53 7.68 -3.35 -8.23
C VAL A 53 7.63 -3.32 -8.16
N SER A 54 8.52 -4.08 -7.49
CA SER A 54 9.78 -3.50 -6.97
C SER A 54 10.73 -3.06 -8.08
N LYS A 55 10.74 -3.76 -9.21
CA LYS A 55 11.53 -3.31 -10.37
C LYS A 55 11.06 -1.96 -10.88
N ALA A 56 9.76 -1.83 -11.07
CA ALA A 56 9.20 -0.56 -11.55
C ALA A 56 9.44 0.59 -10.57
N ILE A 57 9.19 0.32 -9.29
CA ILE A 57 9.38 1.36 -8.27
C ILE A 57 10.87 1.81 -8.22
N LEU A 58 11.82 0.88 -8.14
CA LEU A 58 13.22 1.34 -8.01
C LEU A 58 13.73 1.99 -9.29
N GLU A 59 13.35 1.49 -10.48
N GLU A 59 13.33 1.47 -10.45
CA GLU A 59 13.81 2.10 -11.75
CA GLU A 59 13.73 2.10 -11.71
C GLU A 59 13.38 3.60 -11.93
C GLU A 59 13.02 3.45 -11.93
N CYS A 60 12.10 3.87 -11.69
N CYS A 60 11.75 3.58 -11.48
CA CYS A 60 11.46 5.15 -11.77
CA CYS A 60 11.19 4.97 -11.63
C CYS A 60 11.79 6.05 -10.58
C CYS A 60 11.72 5.97 -10.58
N ALA A 61 11.97 5.50 -9.36
CA ALA A 61 12.37 6.37 -8.22
C ALA A 61 13.82 6.85 -8.40
N GLY A 62 14.69 5.96 -8.90
CA GLY A 62 16.05 6.31 -9.24
C GLY A 62 17.08 5.85 -8.24
N GLN A 63 18.33 6.08 -8.65
CA GLN A 63 19.48 5.51 -7.98
C GLN A 63 19.70 6.04 -6.56
N ASN A 64 19.34 7.30 -6.29
CA ASN A 64 19.49 7.82 -4.91
C ASN A 64 18.58 7.07 -3.90
N VAL A 65 17.37 6.71 -4.33
CA VAL A 65 16.48 5.90 -3.47
C VAL A 65 17.05 4.48 -3.28
N GLU A 66 17.55 3.87 -4.35
CA GLU A 66 18.21 2.55 -4.25
C GLU A 66 19.32 2.56 -3.22
N ARG A 67 20.16 3.60 -3.27
CA ARG A 67 21.27 3.75 -2.32
C ARG A 67 20.81 3.98 -0.87
N GLU A 68 19.77 4.80 -0.68
CA GLU A 68 19.19 5.05 0.66
C GLU A 68 18.70 3.74 1.30
N CYS A 69 18.03 2.91 0.48
CA CYS A 69 17.59 1.60 0.95
C CYS A 69 18.70 0.69 1.50
N SER A 70 19.76 0.53 0.71
N SER A 70 19.76 0.53 0.72
CA SER A 70 20.84 -0.39 1.08
CA SER A 70 20.86 -0.36 1.10
C SER A 70 21.68 0.18 2.25
C SER A 70 21.61 0.18 2.30
N GLN A 71 21.72 1.51 2.41
CA GLN A 71 22.37 2.15 3.58
C GLN A 71 21.59 1.89 4.87
N GLN A 72 20.27 2.04 4.84
CA GLN A 72 19.47 1.72 6.02
C GLN A 72 19.46 0.23 6.36
N ALA A 73 19.44 -0.63 5.33
CA ALA A 73 19.39 -2.08 5.53
C ALA A 73 20.62 -2.61 6.32
N GLN A 74 21.77 -1.99 6.09
CA GLN A 74 23.01 -2.39 6.78
C GLN A 74 23.12 -1.86 8.21
N GLN A 75 22.43 -0.75 8.49
CA GLN A 75 22.48 -0.09 9.80
C GLN A 75 21.86 -0.88 10.95
N ARG A 76 20.76 -1.57 10.68
CA ARG A 76 20.02 -2.33 11.69
C ARG A 76 19.09 -3.31 11.01
N LYS A 77 18.48 -4.19 11.81
CA LYS A 77 17.43 -5.10 11.33
C LYS A 77 16.08 -4.33 11.28
N ASN A 78 15.56 -4.08 10.08
CA ASN A 78 14.33 -3.32 9.87
C ASN A 78 13.15 -4.22 9.44
N ASP A 79 11.95 -4.01 10.00
CA ASP A 79 10.74 -4.63 9.45
C ASP A 79 10.27 -3.86 8.19
N TYR A 80 10.60 -2.57 8.10
CA TYR A 80 10.29 -1.70 6.94
C TYR A 80 11.26 -0.49 6.99
N ILE A 81 11.43 0.21 5.88
N ILE A 81 11.40 0.20 5.86
CA ILE A 81 12.21 1.44 5.89
CA ILE A 81 12.31 1.35 5.68
C ILE A 81 11.50 2.53 5.11
C ILE A 81 11.54 2.53 5.04
N ILE A 82 11.77 3.76 5.51
CA ILE A 82 11.20 4.97 4.91
C ILE A 82 12.33 5.71 4.17
N THR A 83 12.13 6.01 2.88
CA THR A 83 13.04 6.81 2.07
C THR A 83 12.32 8.02 1.50
N GLY A 84 13.08 8.91 0.85
CA GLY A 84 12.48 9.91 -0.01
C GLY A 84 11.75 9.25 -1.19
N GLY A 85 11.03 10.07 -1.95
CA GLY A 85 10.30 9.62 -3.09
C GLY A 85 11.06 9.59 -4.42
N GLY A 86 12.28 10.14 -4.44
CA GLY A 86 13.04 10.17 -5.68
C GLY A 86 12.26 10.86 -6.78
N PHE A 87 12.23 10.25 -7.96
CA PHE A 87 11.50 10.76 -9.11
C PHE A 87 10.05 10.21 -9.23
N LEU A 88 9.55 9.53 -8.19
CA LEU A 88 8.10 9.27 -8.09
C LEU A 88 7.36 10.52 -7.58
N ARG A 89 6.04 10.55 -7.85
CA ARG A 89 5.17 11.65 -7.41
C ARG A 89 4.65 11.40 -5.99
N CYS A 90 5.57 11.42 -5.02
CA CYS A 90 5.22 11.24 -3.63
C CYS A 90 6.25 11.96 -2.75
N LYS A 91 5.90 12.12 -1.48
CA LYS A 91 6.81 12.69 -0.45
C LYS A 91 7.75 11.66 0.15
N ASN A 92 7.26 10.44 0.37
CA ASN A 92 8.09 9.34 0.90
C ASN A 92 7.65 8.02 0.27
N ILE A 93 8.61 7.09 0.14
CA ILE A 93 8.29 5.67 -0.14
C ILE A 93 8.49 4.88 1.15
N ILE A 94 7.50 4.04 1.50
CA ILE A 94 7.67 3.11 2.61
C ILE A 94 7.84 1.71 1.98
N HIS A 95 9.00 1.09 2.22
CA HIS A 95 9.36 -0.21 1.66
C HIS A 95 9.08 -1.28 2.74
N VAL A 96 8.07 -2.12 2.47
CA VAL A 96 7.67 -3.20 3.37
C VAL A 96 8.15 -4.57 2.79
N ILE A 97 8.25 -5.57 3.65
CA ILE A 97 8.73 -6.92 3.27
C ILE A 97 7.51 -7.74 2.80
N GLY A 98 7.51 -8.12 1.51
CA GLY A 98 6.37 -8.84 0.93
C GLY A 98 5.96 -10.14 1.63
N GLY A 99 6.96 -10.83 2.20
CA GLY A 99 6.72 -12.09 2.91
C GLY A 99 6.19 -11.94 4.33
N ASN A 100 6.22 -10.73 4.90
CA ASN A 100 5.74 -10.49 6.26
C ASN A 100 4.20 -10.47 6.32
N ASP A 101 3.67 -10.58 7.54
CA ASP A 101 2.23 -10.43 7.80
C ASP A 101 1.73 -9.11 7.21
N VAL A 102 0.81 -9.20 6.26
CA VAL A 102 0.36 -8.02 5.52
C VAL A 102 -0.44 -7.04 6.41
N LYS A 103 -1.25 -7.59 7.31
CA LYS A 103 -2.01 -6.72 8.22
C LYS A 103 -1.05 -5.86 9.05
N SER A 104 -0.02 -6.49 9.63
N SER A 104 -0.02 -6.48 9.61
CA SER A 104 1.01 -5.76 10.39
CA SER A 104 0.98 -5.74 10.37
C SER A 104 1.71 -4.68 9.54
C SER A 104 1.70 -4.67 9.52
N SER A 105 2.08 -5.03 8.30
CA SER A 105 2.73 -4.05 7.40
C SER A 105 1.85 -2.82 7.12
N VAL A 106 0.57 -3.05 6.81
CA VAL A 106 -0.35 -1.94 6.54
C VAL A 106 -0.61 -1.10 7.81
N SER A 107 -0.76 -1.76 8.96
N SER A 107 -0.75 -1.75 8.98
CA SER A 107 -0.89 -1.01 10.22
CA SER A 107 -0.87 -0.99 10.24
C SER A 107 0.31 -0.05 10.44
C SER A 107 0.31 -0.03 10.42
N SER A 108 1.53 -0.52 10.19
CA SER A 108 2.74 0.32 10.29
C SER A 108 2.71 1.49 9.31
N VAL A 109 2.32 1.25 8.06
CA VAL A 109 2.21 2.34 7.07
C VAL A 109 1.23 3.41 7.54
N LEU A 110 0.05 2.99 8.05
CA LEU A 110 -0.97 3.95 8.50
C LEU A 110 -0.42 4.81 9.66
N GLN A 111 0.23 4.18 10.64
CA GLN A 111 0.78 4.89 11.79
C GLN A 111 1.87 5.91 11.38
N GLU A 112 2.76 5.52 10.45
CA GLU A 112 3.80 6.41 9.96
C GLU A 112 3.20 7.60 9.20
N CYS A 113 2.10 7.37 8.47
CA CYS A 113 1.45 8.48 7.76
C CYS A 113 0.78 9.48 8.73
N GLU A 114 0.15 8.99 9.81
CA GLU A 114 -0.38 9.88 10.86
C GLU A 114 0.73 10.70 11.52
N LYS A 115 1.88 10.08 11.76
N LYS A 115 1.88 10.08 11.76
CA LYS A 115 3.03 10.78 12.35
CA LYS A 115 3.03 10.78 12.35
C LYS A 115 3.50 11.97 11.50
C LYS A 115 3.51 11.97 11.50
N LYS A 116 3.36 11.86 10.18
CA LYS A 116 3.77 12.92 9.25
C LYS A 116 2.62 13.87 8.83
N ASN A 117 1.41 13.65 9.39
CA ASN A 117 0.21 14.41 9.03
C ASN A 117 -0.14 14.30 7.53
N TYR A 118 0.13 13.12 6.95
CA TYR A 118 -0.20 12.84 5.55
C TYR A 118 -1.67 12.42 5.37
N SER A 119 -2.21 12.75 4.19
N SER A 119 -2.20 12.75 4.18
CA SER A 119 -3.61 12.45 3.88
CA SER A 119 -3.60 12.53 3.80
C SER A 119 -3.87 11.31 2.89
C SER A 119 -3.85 11.31 2.90
N SER A 120 -2.90 10.99 2.01
CA SER A 120 -3.10 9.99 0.96
C SER A 120 -1.98 8.96 0.89
N ILE A 121 -2.40 7.71 0.64
CA ILE A 121 -1.53 6.55 0.55
C ILE A 121 -1.88 5.78 -0.73
N CYS A 122 -0.88 5.26 -1.44
N CYS A 122 -0.86 5.29 -1.45
CA CYS A 122 -1.12 4.30 -2.53
CA CYS A 122 -1.04 4.31 -2.53
C CYS A 122 -0.20 3.07 -2.31
C CYS A 122 -0.20 3.07 -2.23
N LEU A 123 -0.80 1.88 -2.38
CA LEU A 123 -0.07 0.63 -2.17
C LEU A 123 -0.39 -0.38 -3.24
N PRO A 124 0.52 -1.35 -3.47
CA PRO A 124 0.23 -2.48 -4.34
C PRO A 124 -0.50 -3.58 -3.55
N ALA A 125 -0.81 -4.70 -4.23
CA ALA A 125 -1.34 -5.90 -3.53
C ALA A 125 -0.15 -6.62 -2.85
N ILE A 126 0.27 -6.06 -1.73
CA ILE A 126 1.50 -6.45 -1.01
C ILE A 126 1.52 -7.99 -0.82
N GLY A 127 2.66 -8.59 -1.18
CA GLY A 127 2.87 -10.03 -0.98
C GLY A 127 2.45 -10.96 -2.09
N THR A 128 1.75 -10.41 -3.11
CA THR A 128 1.26 -11.29 -4.19
C THR A 128 2.27 -11.52 -5.31
N GLY A 129 3.40 -10.80 -5.28
CA GLY A 129 4.47 -10.94 -6.28
C GLY A 129 5.46 -12.02 -5.89
N ASN A 130 6.73 -11.67 -5.69
CA ASN A 130 7.78 -12.70 -5.40
C ASN A 130 7.47 -13.50 -4.13
N ALA A 131 6.78 -12.90 -3.15
CA ALA A 131 6.47 -13.62 -1.91
C ALA A 131 5.39 -14.72 -2.06
N LYS A 132 4.60 -14.63 -3.12
CA LYS A 132 3.60 -15.65 -3.48
C LYS A 132 2.61 -15.94 -2.32
N GLN A 133 2.12 -14.89 -1.65
CA GLN A 133 0.97 -14.99 -0.76
C GLN A 133 -0.33 -14.97 -1.61
N HIS A 134 -1.37 -15.62 -1.11
N HIS A 134 -1.38 -15.62 -1.10
CA HIS A 134 -2.61 -15.78 -1.87
CA HIS A 134 -2.69 -15.77 -1.80
C HIS A 134 -3.42 -14.46 -1.90
C HIS A 134 -3.42 -14.43 -1.88
N PRO A 135 -3.88 -14.04 -3.09
CA PRO A 135 -4.61 -12.78 -3.20
C PRO A 135 -5.81 -12.58 -2.27
N ASP A 136 -6.58 -13.64 -2.03
N ASP A 136 -6.68 -13.56 -2.02
CA ASP A 136 -7.73 -13.57 -1.11
CA ASP A 136 -7.81 -13.25 -1.07
C ASP A 136 -7.33 -13.20 0.32
C ASP A 136 -7.31 -13.10 0.39
N LYS A 137 -6.26 -13.83 0.80
CA LYS A 137 -5.72 -13.57 2.15
C LYS A 137 -5.11 -12.16 2.26
N VAL A 138 -4.44 -11.72 1.18
CA VAL A 138 -3.84 -10.37 1.13
C VAL A 138 -4.96 -9.30 1.18
N ALA A 139 -6.03 -9.46 0.37
CA ALA A 139 -7.14 -8.49 0.39
C ALA A 139 -7.77 -8.40 1.78
N GLU A 140 -8.03 -9.56 2.39
CA GLU A 140 -8.64 -9.61 3.73
C GLU A 140 -7.77 -8.86 4.75
N ALA A 141 -6.44 -9.07 4.69
CA ALA A 141 -5.49 -8.44 5.61
C ALA A 141 -5.40 -6.92 5.44
N ILE A 142 -5.34 -6.44 4.21
CA ILE A 142 -5.25 -4.99 3.96
C ILE A 142 -6.51 -4.29 4.50
N ILE A 143 -7.69 -4.82 4.18
CA ILE A 143 -8.92 -4.16 4.62
C ILE A 143 -9.09 -4.29 6.15
N ASP A 144 -8.73 -5.44 6.73
CA ASP A 144 -8.74 -5.60 8.20
C ASP A 144 -7.85 -4.56 8.89
N ALA A 145 -6.66 -4.28 8.35
CA ALA A 145 -5.76 -3.27 8.96
C ALA A 145 -6.43 -1.89 9.01
N ILE A 146 -7.10 -1.52 7.93
CA ILE A 146 -7.80 -0.23 7.87
C ILE A 146 -8.98 -0.18 8.87
N GLU A 147 -9.77 -1.25 8.94
CA GLU A 147 -10.87 -1.34 9.88
C GLU A 147 -10.36 -1.18 11.34
N ASP A 148 -9.27 -1.88 11.68
CA ASP A 148 -8.71 -1.79 13.04
C ASP A 148 -8.26 -0.36 13.38
N PHE A 149 -7.59 0.30 12.42
N PHE A 149 -7.60 0.29 12.42
CA PHE A 149 -7.13 1.69 12.58
CA PHE A 149 -7.10 1.67 12.56
C PHE A 149 -8.31 2.61 12.87
C PHE A 149 -8.28 2.64 12.82
N VAL A 150 -9.38 2.48 12.08
CA VAL A 150 -10.61 3.27 12.27
C VAL A 150 -11.27 2.98 13.63
N GLN A 151 -11.36 1.69 13.99
CA GLN A 151 -12.02 1.28 15.26
C GLN A 151 -11.33 1.87 16.48
N LYS A 152 -9.99 1.98 16.40
CA LYS A 152 -9.20 2.53 17.52
C LYS A 152 -9.27 4.07 17.62
N GLY A 153 -9.91 4.73 16.63
CA GLY A 153 -10.03 6.17 16.60
C GLY A 153 -8.79 6.86 16.10
N SER A 154 -7.94 6.14 15.37
CA SER A 154 -6.64 6.64 14.99
C SER A 154 -6.65 7.53 13.73
N ALA A 155 -7.71 7.45 12.91
CA ALA A 155 -7.76 8.23 11.66
C ALA A 155 -7.99 9.71 11.97
N GLN A 156 -7.01 10.55 11.66
CA GLN A 156 -7.07 11.98 11.87
C GLN A 156 -6.66 12.69 10.57
N SER A 157 -5.38 12.58 10.21
N SER A 157 -5.37 12.58 10.21
CA SER A 157 -4.90 13.15 8.95
CA SER A 157 -4.88 13.13 8.94
C SER A 157 -5.19 12.24 7.73
C SER A 157 -5.19 12.23 7.73
N VAL A 158 -5.13 10.90 7.89
CA VAL A 158 -5.31 9.99 6.75
C VAL A 158 -6.77 10.00 6.26
N LYS A 159 -6.95 10.32 4.97
CA LYS A 159 -8.27 10.44 4.34
C LYS A 159 -8.52 9.49 3.17
N LYS A 160 -7.46 9.04 2.49
CA LYS A 160 -7.60 8.21 1.28
C LYS A 160 -6.54 7.14 1.24
N VAL A 161 -6.97 5.88 1.03
CA VAL A 161 -6.07 4.74 0.87
C VAL A 161 -6.45 4.02 -0.44
N LYS A 162 -5.53 3.98 -1.40
CA LYS A 162 -5.78 3.43 -2.74
C LYS A 162 -4.84 2.25 -3.01
N VAL A 163 -5.41 1.10 -3.40
CA VAL A 163 -4.61 -0.05 -3.86
C VAL A 163 -4.62 -0.04 -5.38
N VAL A 164 -3.42 0.13 -5.98
CA VAL A 164 -3.25 0.04 -7.45
C VAL A 164 -2.59 -1.31 -7.73
N ILE A 165 -3.30 -2.14 -8.50
CA ILE A 165 -3.07 -3.57 -8.60
C ILE A 165 -2.63 -3.91 -10.05
N PHE A 166 -1.49 -4.56 -10.21
CA PHE A 166 -0.95 -4.84 -11.55
C PHE A 166 -1.86 -5.76 -12.41
N LEU A 167 -2.33 -6.86 -11.82
CA LEU A 167 -3.21 -7.80 -12.55
C LEU A 167 -4.73 -7.59 -12.32
N PRO A 168 -5.48 -7.38 -13.42
CA PRO A 168 -6.94 -7.28 -13.27
C PRO A 168 -7.59 -8.44 -12.50
N GLN A 169 -7.07 -9.66 -12.65
CA GLN A 169 -7.65 -10.81 -11.90
C GLN A 169 -7.54 -10.64 -10.35
N VAL A 170 -6.48 -9.98 -9.90
CA VAL A 170 -6.31 -9.67 -8.46
C VAL A 170 -7.27 -8.54 -8.02
N LEU A 171 -7.46 -7.55 -8.87
N LEU A 171 -7.47 -7.54 -8.88
CA LEU A 171 -8.49 -6.53 -8.62
CA LEU A 171 -8.49 -6.51 -8.65
C LEU A 171 -9.88 -7.15 -8.40
C LEU A 171 -9.89 -7.14 -8.42
N ASP A 172 -10.24 -8.16 -9.20
CA ASP A 172 -11.54 -8.83 -9.02
C ASP A 172 -11.70 -9.42 -7.61
N VAL A 173 -10.62 -9.99 -7.05
CA VAL A 173 -10.61 -10.56 -5.70
C VAL A 173 -10.84 -9.45 -4.62
N PHE A 174 -10.16 -8.32 -4.78
CA PHE A 174 -10.35 -7.18 -3.87
C PHE A 174 -11.82 -6.65 -3.92
N TYR A 175 -12.36 -6.50 -5.12
CA TYR A 175 -13.74 -6.05 -5.30
C TYR A 175 -14.72 -6.98 -4.56
N ALA A 176 -14.56 -8.28 -4.74
CA ALA A 176 -15.45 -9.24 -4.04
C ALA A 176 -15.37 -9.09 -2.51
N ASN A 177 -14.16 -8.85 -1.99
CA ASN A 177 -13.97 -8.68 -0.54
C ASN A 177 -14.69 -7.41 -0.03
N MET A 178 -14.58 -6.32 -0.79
CA MET A 178 -15.31 -5.08 -0.48
C MET A 178 -16.84 -5.31 -0.43
N LYS A 179 -17.36 -6.04 -1.43
CA LYS A 179 -18.82 -6.35 -1.49
C LYS A 179 -19.28 -7.19 -0.28
N LYS A 180 -18.44 -8.11 0.16
CA LYS A 180 -18.76 -8.93 1.33
C LYS A 180 -18.99 -8.03 2.57
N ARG A 181 -18.21 -6.94 2.67
CA ARG A 181 -18.23 -6.08 3.86
C ARG A 181 -19.24 -4.94 3.84
N GLU A 182 -19.75 -4.59 2.67
CA GLU A 182 -20.50 -3.32 2.51
C GLU A 182 -21.74 -3.25 3.38
N GLY A 183 -22.07 -2.04 3.82
CA GLY A 183 -23.31 -1.81 4.57
C GLY A 183 -24.59 -2.05 3.76
CL CL B . 5.65 -9.38 -2.97
CL CL C . 0.15 -5.54 -7.38
S DMS D . 2.92 -14.02 7.86
O DMS D . 4.33 -14.50 8.04
C1 DMS D . 2.60 -14.12 6.20
C2 DMS D . 1.84 -15.17 8.45
N1 GRY E . 5.14 -5.66 -12.31
N3 GRY E . 10.44 -2.13 -16.75
C4 GRY E . 4.26 -5.24 -11.39
C5 GRY E . 3.68 -6.30 -10.51
C6 GRY E . 5.68 -4.72 -13.10
C7 GRY E . 7.58 -4.42 -14.69
C8 GRY E . 7.69 -4.50 -16.07
C10 GRY E . 9.49 -2.90 -16.07
C1 GRY E . 4.14 -1.53 -12.08
C2 GRY E . 4.49 -3.00 -12.15
C3 GRY E . 3.91 -3.91 -11.28
N2 GRY E . 6.60 -5.16 -13.99
C9 GRY E . 8.63 -3.75 -16.74
C11 GRY E . 9.36 -2.81 -14.67
C12 GRY E . 8.43 -3.56 -14.01
N4 GRY E . 5.40 -3.40 -13.05
#